data_5CE5
#
_entry.id   5CE5
#
_cell.length_a   73.305
_cell.length_b   128.180
_cell.length_c   127.963
_cell.angle_alpha   90.00
_cell.angle_beta   90.00
_cell.angle_gamma   90.00
#
_symmetry.space_group_name_H-M   'I 2 2 2'
#
loop_
_entity.id
_entity.type
_entity.pdbx_description
1 polymer 'Triacylglycerol lipase'
2 non-polymer 'CALCIUM ION'
3 non-polymer 'ZINC ION'
4 non-polymer 2,5,8,11,14,17-HEXAOXANONADECAN-19-OL
5 non-polymer 'PENTAETHYLENE GLYCOL'
6 non-polymer (4S)-2-METHYL-2,4-PENTANEDIOL
7 water water
#
_entity_poly.entity_id   1
_entity_poly.type   'polypeptide(L)'
_entity_poly.pdbx_seq_one_letter_code
;SPRANDAPIVLLHGFTGWGREEMLGFKYWGGVRGDIEQWLNDNGYRTYTLAVGPLSSNADRACEAYAQLVGGTVDYGAAH
AAKHGHARFGRTYPGLLPELKRGGRVHIIAHSQGGQTARMLVSLLENGSQEEREYAKAHNVSLSPLFEGGHHFVLSVTTI
ATPHDGTTLVNMVDFTDRFFDLQKAVLKAAAVASNVPYTSQVYDFKLDQWGLRRQPGESFDHYFERLKRSPVWTSTDTAR
YDLSIPGAEKLNQWVQASPNTYYLSFSTERTHRGALTGNYYPELGMNAFSAVVCAPFLGSYRNEALGIDDRWLENDGIVN
TVSMNGPKRGSSDRIVPYDGTLKKGVWNDMGTYNVDHLEVIGVDPNPSFDIRAFYLRLAEQLASLRP
;
_entity_poly.pdbx_strand_id   A
#
loop_
_chem_comp.id
_chem_comp.type
_chem_comp.name
_chem_comp.formula
1PE non-polymer 'PENTAETHYLENE GLYCOL' 'C10 H22 O6'
CA non-polymer 'CALCIUM ION' 'Ca 2'
MPD non-polymer (4S)-2-METHYL-2,4-PENTANEDIOL 'C6 H14 O2'
P15 non-polymer 2,5,8,11,14,17-HEXAOXANONADECAN-19-OL 'C13 H28 O7'
ZN non-polymer 'ZINC ION' 'Zn 2'
#
# COMPACT_ATOMS: atom_id res chain seq x y z
N SER A 1 -15.34 -11.13 23.34
CA SER A 1 -15.11 -11.55 21.95
C SER A 1 -14.18 -12.74 21.88
N PRO A 2 -14.75 -13.96 21.85
CA PRO A 2 -13.92 -15.18 21.87
C PRO A 2 -13.21 -15.42 20.53
N ARG A 3 -12.07 -16.11 20.59
CA ARG A 3 -11.30 -16.42 19.40
C ARG A 3 -12.01 -17.45 18.51
N ALA A 4 -12.32 -17.05 17.27
CA ALA A 4 -13.10 -17.87 16.36
C ALA A 4 -12.33 -18.36 15.14
N ASN A 5 -11.11 -17.87 14.95
CA ASN A 5 -10.26 -18.39 13.88
C ASN A 5 -8.82 -18.36 14.35
N ASP A 6 -7.96 -19.16 13.73
CA ASP A 6 -6.55 -19.07 14.03
C ASP A 6 -5.75 -18.75 12.79
N ALA A 7 -6.37 -18.01 11.87
CA ALA A 7 -5.69 -17.62 10.65
C ALA A 7 -4.54 -16.70 10.97
N PRO A 8 -3.42 -16.88 10.27
CA PRO A 8 -2.27 -15.99 10.42
C PRO A 8 -2.54 -14.57 9.93
N ILE A 9 -1.67 -13.67 10.37
CA ILE A 9 -1.67 -12.26 9.99
C ILE A 9 -0.46 -11.97 9.13
N VAL A 10 -0.64 -11.18 8.06
CA VAL A 10 0.51 -10.63 7.36
C VAL A 10 0.47 -9.11 7.37
N LEU A 11 1.64 -8.50 7.56
CA LEU A 11 1.75 -7.06 7.60
C LEU A 11 2.14 -6.57 6.22
N LEU A 12 1.48 -5.50 5.77
CA LEU A 12 1.73 -4.98 4.42
C LEU A 12 1.92 -3.47 4.43
N HIS A 13 3.17 -3.07 4.25
CA HIS A 13 3.59 -1.66 4.28
C HIS A 13 3.04 -0.85 3.12
N GLY A 14 3.17 0.46 3.22
CA GLY A 14 2.71 1.34 2.17
C GLY A 14 3.83 1.87 1.29
N PHE A 15 3.66 3.13 0.87
CA PHE A 15 4.60 3.80 0.00
C PHE A 15 5.93 4.03 0.71
N THR A 16 7.02 3.69 0.03
CA THR A 16 8.42 3.72 0.50
C THR A 16 8.76 2.60 1.49
N GLY A 17 7.76 1.83 1.93
CA GLY A 17 7.99 0.84 2.97
C GLY A 17 8.98 -0.27 2.63
N TRP A 18 9.70 -0.75 3.65
CA TRP A 18 10.84 -1.66 3.47
C TRP A 18 10.69 -2.93 4.32
N GLY A 19 11.35 -4.01 3.90
CA GLY A 19 11.25 -5.27 4.61
C GLY A 19 12.16 -5.38 5.83
N ARG A 20 11.97 -6.45 6.59
CA ARG A 20 12.69 -6.67 7.85
C ARG A 20 14.18 -6.85 7.65
N GLU A 21 14.61 -7.20 6.44
CA GLU A 21 16.03 -7.40 6.18
C GLU A 21 16.70 -6.08 5.79
N GLU A 22 15.93 -5.00 5.74
CA GLU A 22 16.43 -3.71 5.27
C GLU A 22 16.55 -2.68 6.38
N MET A 23 17.14 -1.52 6.05
CA MET A 23 17.22 -0.37 6.97
C MET A 23 17.84 -0.71 8.33
N LEU A 24 18.82 -1.62 8.32
CA LEU A 24 19.59 -1.95 9.52
C LEU A 24 18.68 -2.45 10.63
N GLY A 25 17.58 -3.10 10.27
CA GLY A 25 16.71 -3.69 11.26
C GLY A 25 15.71 -2.74 11.89
N PHE A 26 15.76 -1.47 11.49
CA PHE A 26 14.77 -0.50 11.92
C PHE A 26 13.45 -0.88 11.24
N LYS A 27 12.44 -1.23 12.02
CA LYS A 27 11.22 -1.83 11.46
C LYS A 27 10.25 -0.77 10.97
N TYR A 28 9.69 -1.00 9.79
CA TYR A 28 8.59 -0.19 9.30
C TYR A 28 7.42 -0.35 10.26
N TRP A 29 7.13 -1.60 10.59
CA TRP A 29 6.07 -1.92 11.52
C TRP A 29 6.62 -1.91 12.95
N GLY A 30 6.69 -0.72 13.53
CA GLY A 30 7.11 -0.56 14.91
C GLY A 30 8.07 0.59 15.13
N GLY A 31 8.97 0.81 14.16
CA GLY A 31 9.88 1.94 14.21
C GLY A 31 10.64 2.06 15.53
N VAL A 32 10.58 3.24 16.14
CA VAL A 32 11.26 3.44 17.41
C VAL A 32 10.53 2.83 18.60
N ARG A 33 9.30 2.35 18.39
CA ARG A 33 8.51 1.83 19.50
C ARG A 33 8.78 0.34 19.76
N GLY A 34 9.30 -0.36 18.77
CA GLY A 34 9.59 -1.78 18.90
C GLY A 34 9.25 -2.58 17.65
N ASP A 35 8.95 -3.86 17.84
CA ASP A 35 8.73 -4.78 16.73
C ASP A 35 7.30 -5.30 16.78
N ILE A 36 6.42 -4.76 15.94
CA ILE A 36 5.00 -5.10 16.01
C ILE A 36 4.75 -6.56 15.70
N GLU A 37 5.40 -7.08 14.66
CA GLU A 37 5.31 -8.49 14.34
C GLU A 37 5.66 -9.36 15.56
N GLN A 38 6.71 -9.01 16.28
CA GLN A 38 7.08 -9.81 17.45
C GLN A 38 6.04 -9.68 18.57
N TRP A 39 5.46 -8.50 18.75
CA TRP A 39 4.41 -8.32 19.78
C TRP A 39 3.25 -9.27 19.51
N LEU A 40 2.85 -9.34 18.24
CA LEU A 40 1.75 -10.20 17.84
C LEU A 40 2.10 -11.67 18.04
N ASN A 41 3.28 -12.06 17.57
CA ASN A 41 3.69 -13.46 17.71
C ASN A 41 3.79 -13.86 19.18
N ASP A 42 4.33 -12.97 20.00
CA ASP A 42 4.46 -13.23 21.44
C ASP A 42 3.09 -13.45 22.10
N ASN A 43 2.06 -12.83 21.55
CA ASN A 43 0.74 -12.93 22.14
C ASN A 43 -0.16 -13.95 21.46
N GLY A 44 0.44 -14.86 20.69
CA GLY A 44 -0.30 -15.98 20.14
C GLY A 44 -0.93 -15.75 18.77
N TYR A 45 -0.50 -14.70 18.10
CA TYR A 45 -1.00 -14.42 16.75
C TYR A 45 0.10 -14.66 15.73
N ARG A 46 0.00 -15.73 14.95
CA ARG A 46 0.98 -16.03 13.89
C ARG A 46 1.06 -14.85 12.96
N THR A 47 2.21 -14.18 12.90
CA THR A 47 2.33 -12.97 12.08
C THR A 47 3.59 -12.99 11.22
N TYR A 48 3.44 -12.63 9.95
CA TYR A 48 4.56 -12.52 9.01
C TYR A 48 4.55 -11.12 8.40
N THR A 49 5.67 -10.73 7.79
CA THR A 49 5.74 -9.41 7.16
C THR A 49 6.03 -9.54 5.66
N LEU A 50 5.23 -8.88 4.82
CA LEU A 50 5.47 -8.85 3.39
C LEU A 50 6.35 -7.66 3.04
N ALA A 51 7.05 -7.75 1.92
CA ALA A 51 7.89 -6.67 1.45
C ALA A 51 7.79 -6.55 -0.07
N VAL A 52 6.98 -5.60 -0.53
CA VAL A 52 6.70 -5.45 -1.95
C VAL A 52 7.28 -4.12 -2.42
N GLY A 53 7.15 -3.84 -3.72
CA GLY A 53 7.72 -2.64 -4.30
C GLY A 53 7.35 -1.39 -3.55
N PRO A 54 8.34 -0.74 -2.91
CA PRO A 54 8.05 0.48 -2.14
C PRO A 54 7.50 1.64 -2.98
N LEU A 55 7.83 1.67 -4.27
CA LEU A 55 7.41 2.77 -5.14
C LEU A 55 6.53 2.33 -6.31
N SER A 56 6.16 1.05 -6.32
CA SER A 56 5.52 0.45 -7.49
C SER A 56 4.01 0.60 -7.45
N SER A 57 3.37 0.36 -8.60
CA SER A 57 1.91 0.38 -8.65
C SER A 57 1.33 -0.67 -7.71
N ASN A 58 0.07 -0.48 -7.31
CA ASN A 58 -0.60 -1.53 -6.56
C ASN A 58 -0.73 -2.85 -7.31
N ALA A 59 -0.89 -2.76 -8.63
CA ALA A 59 -0.96 -3.98 -9.45
C ALA A 59 0.32 -4.79 -9.30
N ASP A 60 1.46 -4.14 -9.47
CA ASP A 60 2.75 -4.82 -9.36
C ASP A 60 2.95 -5.37 -7.95
N ARG A 61 2.61 -4.55 -6.95
CA ARG A 61 2.74 -4.97 -5.56
C ARG A 61 1.82 -6.12 -5.20
N ALA A 62 0.64 -6.17 -5.84
CA ALA A 62 -0.29 -7.26 -5.57
C ALA A 62 0.27 -8.58 -6.08
N CYS A 63 0.89 -8.55 -7.27
CA CYS A 63 1.49 -9.76 -7.86
C CYS A 63 2.68 -10.24 -7.02
N GLU A 64 3.43 -9.29 -6.49
CA GLU A 64 4.56 -9.61 -5.62
C GLU A 64 4.08 -10.24 -4.32
N ALA A 65 3.07 -9.61 -3.72
CA ALA A 65 2.45 -10.12 -2.49
C ALA A 65 1.98 -11.57 -2.69
N TYR A 66 1.29 -11.82 -3.80
CA TYR A 66 0.80 -13.16 -4.11
C TYR A 66 1.92 -14.17 -4.11
N ALA A 67 3.01 -13.86 -4.81
CA ALA A 67 4.14 -14.76 -4.95
C ALA A 67 4.82 -15.01 -3.61
N GLN A 68 4.99 -13.95 -2.82
CA GLN A 68 5.61 -14.09 -1.53
C GLN A 68 4.77 -14.96 -0.62
N LEU A 69 3.46 -14.87 -0.75
CA LEU A 69 2.55 -15.65 0.07
C LEU A 69 2.55 -17.14 -0.28
N VAL A 70 2.27 -17.47 -1.54
CA VAL A 70 2.11 -18.89 -1.89
C VAL A 70 3.38 -19.52 -2.46
N GLY A 71 4.37 -18.69 -2.82
CA GLY A 71 5.60 -19.21 -3.39
C GLY A 71 5.59 -19.13 -4.89
N GLY A 72 6.77 -18.99 -5.49
CA GLY A 72 6.87 -18.96 -6.93
C GLY A 72 7.52 -17.71 -7.46
N THR A 73 7.53 -17.59 -8.79
CA THR A 73 8.13 -16.44 -9.44
C THR A 73 7.05 -15.42 -9.71
N VAL A 74 7.32 -14.18 -9.31
CA VAL A 74 6.42 -13.07 -9.53
C VAL A 74 6.05 -12.99 -11.01
N ASP A 75 4.76 -12.84 -11.26
CA ASP A 75 4.23 -12.78 -12.61
C ASP A 75 3.32 -11.57 -12.67
N TYR A 76 3.77 -10.51 -13.34
CA TYR A 76 2.99 -9.28 -13.42
C TYR A 76 1.83 -9.35 -14.43
N GLY A 77 1.78 -10.44 -15.21
CA GLY A 77 0.77 -10.58 -16.26
C GLY A 77 1.34 -10.19 -17.62
N ALA A 78 1.19 -11.07 -18.62
CA ALA A 78 1.71 -10.78 -19.95
C ALA A 78 1.12 -9.51 -20.56
N ALA A 79 -0.17 -9.28 -20.34
CA ALA A 79 -0.84 -8.12 -20.92
C ALA A 79 -0.38 -6.83 -20.25
N HIS A 80 -0.39 -6.84 -18.92
CA HIS A 80 0.08 -5.70 -18.14
C HIS A 80 1.52 -5.33 -18.53
N ALA A 81 2.38 -6.35 -18.62
CA ALA A 81 3.80 -6.16 -18.93
C ALA A 81 3.97 -5.54 -20.31
N ALA A 82 3.24 -6.06 -21.28
CA ALA A 82 3.30 -5.53 -22.65
C ALA A 82 2.79 -4.09 -22.69
N LYS A 83 1.70 -3.83 -21.98
CA LYS A 83 1.10 -2.50 -21.95
C LYS A 83 2.04 -1.45 -21.37
N HIS A 84 2.74 -1.79 -20.29
CA HIS A 84 3.55 -0.79 -19.62
C HIS A 84 5.03 -0.87 -19.97
N GLY A 85 5.42 -1.90 -20.73
CA GLY A 85 6.79 -2.03 -21.18
C GLY A 85 7.81 -2.41 -20.12
N HIS A 86 7.42 -3.26 -19.17
CA HIS A 86 8.42 -3.79 -18.25
C HIS A 86 8.36 -5.32 -18.25
N ALA A 87 9.34 -5.93 -17.59
CA ALA A 87 9.44 -7.39 -17.55
C ALA A 87 8.15 -8.01 -17.02
N ARG A 88 7.80 -9.17 -17.57
CA ARG A 88 6.64 -9.92 -17.08
C ARG A 88 6.96 -10.62 -15.76
N PHE A 89 8.15 -11.21 -15.68
CA PHE A 89 8.49 -12.00 -14.50
C PHE A 89 9.47 -11.27 -13.60
N GLY A 90 9.36 -11.51 -12.30
CA GLY A 90 10.18 -10.86 -11.31
C GLY A 90 10.94 -11.83 -10.42
N ARG A 91 10.96 -11.57 -9.12
CA ARG A 91 11.73 -12.39 -8.18
C ARG A 91 11.06 -13.71 -7.85
N THR A 92 11.83 -14.64 -7.31
CA THR A 92 11.28 -15.94 -6.94
C THR A 92 11.30 -16.12 -5.42
N TYR A 93 10.16 -16.52 -4.89
CA TYR A 93 9.99 -16.69 -3.44
C TYR A 93 9.61 -18.13 -3.10
N PRO A 94 10.08 -18.61 -1.95
CA PRO A 94 9.75 -19.99 -1.57
C PRO A 94 8.31 -20.09 -1.06
N GLY A 95 7.78 -18.99 -0.55
CA GLY A 95 6.40 -18.96 -0.06
C GLY A 95 6.30 -18.88 1.46
N LEU A 96 5.67 -17.83 1.96
CA LEU A 96 5.50 -17.65 3.40
C LEU A 96 4.39 -18.53 3.94
N LEU A 97 3.34 -18.68 3.14
CA LEU A 97 2.15 -19.36 3.59
C LEU A 97 1.52 -20.22 2.50
N PRO A 98 2.23 -21.29 2.06
CA PRO A 98 1.66 -22.17 1.04
C PRO A 98 0.34 -22.82 1.48
N GLU A 99 0.09 -22.86 2.79
CA GLU A 99 -1.18 -23.37 3.31
C GLU A 99 -2.40 -22.68 2.69
N LEU A 100 -2.19 -21.47 2.18
CA LEU A 100 -3.27 -20.70 1.53
C LEU A 100 -3.73 -21.36 0.23
N LYS A 101 -2.91 -22.27 -0.31
CA LYS A 101 -3.27 -23.03 -1.50
C LYS A 101 -4.08 -24.27 -1.12
N ARG A 102 -4.21 -24.52 0.17
CA ARG A 102 -4.85 -25.75 0.64
C ARG A 102 -5.98 -25.47 1.63
N GLY A 103 -6.63 -24.32 1.46
CA GLY A 103 -7.77 -24.00 2.31
C GLY A 103 -7.48 -23.06 3.47
N GLY A 104 -6.21 -22.71 3.67
CA GLY A 104 -5.88 -21.75 4.71
C GLY A 104 -6.40 -20.36 4.40
N ARG A 105 -6.62 -19.54 5.43
CA ARG A 105 -7.00 -18.14 5.27
C ARG A 105 -5.94 -17.25 5.88
N VAL A 106 -6.02 -15.95 5.63
CA VAL A 106 -5.05 -15.01 6.19
C VAL A 106 -5.74 -13.67 6.47
N HIS A 107 -5.29 -12.98 7.51
CA HIS A 107 -5.66 -11.58 7.75
C HIS A 107 -4.56 -10.68 7.20
N ILE A 108 -4.92 -9.63 6.46
CA ILE A 108 -3.92 -8.64 6.06
C ILE A 108 -4.11 -7.35 6.84
N ILE A 109 -3.05 -6.91 7.49
CA ILE A 109 -3.04 -5.59 8.12
C ILE A 109 -2.13 -4.67 7.32
N ALA A 110 -2.68 -3.58 6.80
CA ALA A 110 -1.93 -2.74 5.88
C ALA A 110 -1.95 -1.28 6.29
N HIS A 111 -0.86 -0.58 6.00
CA HIS A 111 -0.72 0.84 6.27
C HIS A 111 -0.67 1.62 4.98
N SER A 112 -1.35 2.75 4.95
CA SER A 112 -1.35 3.67 3.83
C SER A 112 -1.50 2.95 2.48
N GLN A 113 -0.56 3.10 1.54
CA GLN A 113 -0.76 2.52 0.19
C GLN A 113 -1.01 1.01 0.25
N GLY A 114 -0.52 0.37 1.30
CA GLY A 114 -0.69 -1.05 1.47
C GLY A 114 -2.16 -1.45 1.49
N GLY A 115 -3.02 -0.52 1.93
CA GLY A 115 -4.45 -0.74 1.95
C GLY A 115 -5.04 -0.86 0.55
N GLN A 116 -4.55 -0.02 -0.36
CA GLN A 116 -4.90 -0.18 -1.77
C GLN A 116 -4.43 -1.52 -2.30
N THR A 117 -3.18 -1.87 -1.96
CA THR A 117 -2.60 -3.11 -2.46
C THR A 117 -3.39 -4.32 -1.96
N ALA A 118 -3.74 -4.30 -0.68
CA ALA A 118 -4.51 -5.40 -0.10
C ALA A 118 -5.90 -5.54 -0.75
N ARG A 119 -6.60 -4.42 -0.97
CA ARG A 119 -7.89 -4.47 -1.66
C ARG A 119 -7.73 -5.09 -3.04
N MET A 120 -6.67 -4.70 -3.74
CA MET A 120 -6.49 -5.16 -5.10
C MET A 120 -6.17 -6.66 -5.14
N LEU A 121 -5.33 -7.09 -4.21
CA LEU A 121 -5.02 -8.51 -4.09
C LEU A 121 -6.27 -9.33 -3.89
N VAL A 122 -7.16 -8.85 -3.02
CA VAL A 122 -8.40 -9.60 -2.80
C VAL A 122 -9.25 -9.63 -4.07
N SER A 123 -9.36 -8.49 -4.75
CA SER A 123 -10.13 -8.44 -6.00
C SER A 123 -9.57 -9.40 -7.05
N LEU A 124 -8.25 -9.40 -7.21
CA LEU A 124 -7.61 -10.31 -8.15
C LEU A 124 -7.81 -11.77 -7.73
N LEU A 125 -7.69 -12.06 -6.43
CA LEU A 125 -7.88 -13.45 -6.00
C LEU A 125 -9.29 -13.94 -6.31
N GLU A 126 -10.28 -13.10 -6.04
CA GLU A 126 -11.68 -13.46 -6.20
C GLU A 126 -12.12 -13.53 -7.66
N ASN A 127 -11.75 -12.51 -8.43
CA ASN A 127 -12.27 -12.32 -9.78
C ASN A 127 -11.25 -12.51 -10.88
N GLY A 128 -9.97 -12.57 -10.49
CA GLY A 128 -8.90 -12.67 -11.47
C GLY A 128 -8.87 -11.42 -12.34
N SER A 129 -8.27 -11.53 -13.50
CA SER A 129 -8.24 -10.43 -14.45
C SER A 129 -8.74 -10.89 -15.81
N GLN A 130 -9.82 -10.28 -16.28
CA GLN A 130 -10.38 -10.66 -17.56
C GLN A 130 -9.40 -10.34 -18.69
N GLU A 131 -8.78 -9.18 -18.62
CA GLU A 131 -7.81 -8.76 -19.61
C GLU A 131 -6.64 -9.74 -19.70
N GLU A 132 -6.16 -10.23 -18.56
CA GLU A 132 -5.05 -11.18 -18.60
C GLU A 132 -5.51 -12.53 -19.12
N ARG A 133 -6.71 -12.94 -18.75
CA ARG A 133 -7.26 -14.22 -19.22
C ARG A 133 -7.39 -14.22 -20.75
N GLU A 134 -7.96 -13.14 -21.28
CA GLU A 134 -8.18 -13.05 -22.71
C GLU A 134 -6.87 -12.95 -23.46
N TYR A 135 -5.92 -12.19 -22.92
CA TYR A 135 -4.62 -12.04 -23.57
C TYR A 135 -3.87 -13.36 -23.62
N ALA A 136 -3.89 -14.09 -22.51
CA ALA A 136 -3.23 -15.38 -22.43
C ALA A 136 -3.81 -16.35 -23.47
N LYS A 137 -5.13 -16.39 -23.56
CA LYS A 137 -5.77 -17.33 -24.50
C LYS A 137 -5.57 -16.89 -25.96
N ALA A 138 -5.61 -15.58 -26.20
CA ALA A 138 -5.45 -15.04 -27.55
C ALA A 138 -4.04 -15.26 -28.09
N HIS A 139 -3.03 -15.12 -27.22
CA HIS A 139 -1.64 -15.22 -27.66
C HIS A 139 -1.00 -16.56 -27.31
N ASN A 140 -1.75 -17.40 -26.61
CA ASN A 140 -1.26 -18.71 -26.18
C ASN A 140 0.01 -18.61 -25.31
N VAL A 141 -0.06 -17.80 -24.26
CA VAL A 141 1.00 -17.78 -23.25
C VAL A 141 0.42 -18.26 -21.92
N SER A 142 1.28 -18.59 -20.97
CA SER A 142 0.82 -19.07 -19.68
C SER A 142 0.10 -17.96 -18.92
N LEU A 143 -0.64 -18.35 -17.90
CA LEU A 143 -1.43 -17.43 -17.09
C LEU A 143 -1.20 -17.70 -15.61
N SER A 144 -0.86 -16.68 -14.83
CA SER A 144 -0.76 -16.86 -13.38
C SER A 144 -2.10 -17.25 -12.78
N PRO A 145 -2.09 -18.21 -11.84
CA PRO A 145 -3.34 -18.54 -11.14
C PRO A 145 -3.98 -17.31 -10.48
N LEU A 146 -3.20 -16.26 -10.19
CA LEU A 146 -3.77 -15.04 -9.60
C LEU A 146 -4.85 -14.43 -10.49
N PHE A 147 -4.75 -14.64 -11.80
CA PHE A 147 -5.69 -14.01 -12.72
C PHE A 147 -6.85 -14.93 -13.12
N GLU A 148 -6.89 -16.13 -12.55
CA GLU A 148 -7.96 -17.08 -12.85
C GLU A 148 -9.28 -16.65 -12.19
N GLY A 149 -9.20 -16.19 -10.95
CA GLY A 149 -10.39 -15.94 -10.17
C GLY A 149 -10.72 -17.19 -9.37
N GLY A 150 -11.66 -17.07 -8.43
CA GLY A 150 -12.10 -18.21 -7.65
C GLY A 150 -11.21 -18.59 -6.49
N HIS A 151 -10.32 -17.69 -6.08
CA HIS A 151 -9.50 -17.94 -4.90
C HIS A 151 -9.99 -17.06 -3.74
N HIS A 152 -10.11 -17.64 -2.56
CA HIS A 152 -10.76 -16.90 -1.49
C HIS A 152 -9.96 -16.87 -0.22
N PHE A 153 -8.64 -16.85 -0.29
CA PHE A 153 -7.96 -17.10 0.97
C PHE A 153 -7.76 -15.88 1.89
N VAL A 154 -8.21 -14.70 1.50
CA VAL A 154 -8.08 -13.55 2.42
C VAL A 154 -9.34 -13.38 3.26
N LEU A 155 -9.23 -13.57 4.57
CA LEU A 155 -10.38 -13.52 5.47
C LEU A 155 -10.71 -12.09 5.87
N SER A 156 -9.68 -11.27 6.03
CA SER A 156 -9.88 -9.88 6.37
C SER A 156 -8.79 -8.98 5.81
N VAL A 157 -9.18 -7.74 5.57
CA VAL A 157 -8.28 -6.66 5.23
C VAL A 157 -8.50 -5.50 6.20
N THR A 158 -7.44 -5.09 6.87
CA THR A 158 -7.49 -3.93 7.75
C THR A 158 -6.60 -2.86 7.14
N THR A 159 -7.12 -1.65 6.98
CA THR A 159 -6.32 -0.56 6.45
C THR A 159 -6.15 0.53 7.51
N ILE A 160 -4.92 1.05 7.60
CA ILE A 160 -4.56 2.07 8.56
C ILE A 160 -4.02 3.30 7.83
N ALA A 161 -4.75 4.41 7.90
CA ALA A 161 -4.36 5.66 7.23
C ALA A 161 -4.18 5.50 5.72
N THR A 162 -5.01 4.67 5.11
CA THR A 162 -4.91 4.40 3.69
C THR A 162 -5.64 5.47 2.87
N PRO A 163 -5.00 5.98 1.80
CA PRO A 163 -5.67 6.94 0.93
C PRO A 163 -6.58 6.25 -0.08
N HIS A 164 -7.72 5.71 0.39
CA HIS A 164 -8.62 4.99 -0.51
C HIS A 164 -9.16 5.87 -1.64
N ASP A 165 -9.24 7.18 -1.38
CA ASP A 165 -9.68 8.15 -2.37
C ASP A 165 -8.52 8.99 -2.90
N GLY A 166 -7.30 8.62 -2.54
CA GLY A 166 -6.13 9.37 -2.93
C GLY A 166 -5.74 10.35 -1.86
N THR A 167 -4.65 11.06 -2.08
CA THR A 167 -4.26 12.13 -1.19
C THR A 167 -3.92 13.36 -2.03
N THR A 168 -4.31 14.54 -1.56
CA THR A 168 -4.03 15.74 -2.33
C THR A 168 -2.53 16.11 -2.25
N LEU A 169 -1.75 15.33 -1.52
CA LEU A 169 -0.30 15.54 -1.53
C LEU A 169 0.25 15.35 -2.95
N VAL A 170 -0.36 14.46 -3.74
CA VAL A 170 0.11 14.29 -5.11
C VAL A 170 -0.14 15.57 -5.90
N ASN A 171 -1.21 16.28 -5.56
CA ASN A 171 -1.47 17.55 -6.24
C ASN A 171 -0.37 18.56 -5.97
N MET A 172 0.14 18.59 -4.74
CA MET A 172 1.28 19.46 -4.44
C MET A 172 2.47 19.08 -5.32
N VAL A 173 2.73 17.78 -5.43
CA VAL A 173 3.80 17.29 -6.29
C VAL A 173 3.58 17.69 -7.75
N ASP A 174 2.34 17.65 -8.23
CA ASP A 174 2.03 18.10 -9.60
C ASP A 174 2.55 19.54 -9.82
N PHE A 175 2.38 20.40 -8.81
CA PHE A 175 2.84 21.79 -8.88
C PHE A 175 4.36 21.90 -8.84
N THR A 176 4.96 21.18 -7.89
CA THR A 176 6.41 21.19 -7.72
C THR A 176 7.12 20.64 -8.96
N ASP A 177 6.43 19.77 -9.69
CA ASP A 177 7.03 19.08 -10.83
C ASP A 177 7.54 20.05 -11.90
N ARG A 178 6.90 21.21 -12.01
CA ARG A 178 7.26 22.20 -13.03
C ARG A 178 8.70 22.68 -12.92
N PHE A 179 9.31 22.48 -11.75
CA PHE A 179 10.66 22.95 -11.49
C PHE A 179 11.54 21.81 -10.95
N PHE A 180 10.90 20.78 -10.43
CA PHE A 180 11.63 19.67 -9.84
C PHE A 180 10.80 18.38 -9.91
N ASP A 181 10.98 17.62 -10.99
CA ASP A 181 10.22 16.40 -11.21
C ASP A 181 10.65 15.32 -10.23
N LEU A 182 9.87 15.15 -9.16
CA LEU A 182 10.23 14.22 -8.09
C LEU A 182 10.26 12.75 -8.54
N GLN A 183 9.32 12.34 -9.38
CA GLN A 183 9.33 10.95 -9.86
C GLN A 183 10.64 10.64 -10.60
N LYS A 184 11.02 11.52 -11.51
CA LYS A 184 12.26 11.33 -12.28
C LYS A 184 13.50 11.35 -11.39
N ALA A 185 13.54 12.26 -10.42
CA ALA A 185 14.66 12.33 -9.50
C ALA A 185 14.82 11.02 -8.72
N VAL A 186 13.71 10.50 -8.20
CA VAL A 186 13.76 9.27 -7.41
C VAL A 186 14.20 8.10 -8.28
N LEU A 187 13.67 8.04 -9.50
CA LEU A 187 14.05 6.96 -10.42
C LEU A 187 15.52 7.06 -10.83
N LYS A 188 16.03 8.28 -11.03
CA LYS A 188 17.44 8.43 -11.35
C LYS A 188 18.30 8.02 -10.17
N ALA A 189 17.85 8.35 -8.96
CA ALA A 189 18.55 7.91 -7.77
C ALA A 189 18.55 6.39 -7.66
N ALA A 190 17.43 5.77 -7.99
CA ALA A 190 17.35 4.31 -7.94
C ALA A 190 18.22 3.66 -9.01
N ALA A 191 18.34 4.32 -10.16
CA ALA A 191 19.17 3.80 -11.24
C ALA A 191 20.65 3.80 -10.82
N VAL A 192 21.07 4.89 -10.19
CA VAL A 192 22.44 4.97 -9.67
C VAL A 192 22.68 3.92 -8.59
N ALA A 193 21.76 3.83 -7.62
CA ALA A 193 21.88 2.87 -6.53
C ALA A 193 21.94 1.43 -7.01
N SER A 194 21.26 1.14 -8.12
CA SER A 194 21.22 -0.22 -8.66
C SER A 194 22.60 -0.70 -9.09
N ASN A 195 23.49 0.24 -9.37
CA ASN A 195 24.83 -0.12 -9.80
C ASN A 195 25.87 -0.10 -8.67
N VAL A 196 25.43 0.31 -7.47
CA VAL A 196 26.35 0.44 -6.35
C VAL A 196 26.23 -0.73 -5.40
N PRO A 197 27.37 -1.37 -5.11
CA PRO A 197 27.45 -2.53 -4.21
C PRO A 197 26.83 -2.26 -2.85
N TYR A 198 26.10 -3.24 -2.33
CA TYR A 198 25.63 -3.27 -0.94
C TYR A 198 24.40 -2.41 -0.66
N THR A 199 24.16 -1.37 -1.47
CA THR A 199 23.09 -0.40 -1.15
C THR A 199 21.73 -1.05 -0.93
N SER A 200 21.47 -2.17 -1.62
CA SER A 200 20.15 -2.81 -1.54
C SER A 200 20.00 -3.60 -0.24
N GLN A 201 21.11 -3.78 0.48
CA GLN A 201 21.05 -4.36 1.82
C GLN A 201 20.44 -3.34 2.78
N VAL A 202 20.66 -2.07 2.48
CA VAL A 202 20.10 -0.98 3.28
C VAL A 202 18.69 -0.62 2.78
N TYR A 203 18.56 -0.42 1.48
CA TYR A 203 17.26 -0.09 0.90
C TYR A 203 17.17 -0.66 -0.51
N ASP A 204 16.26 -1.61 -0.66
CA ASP A 204 16.06 -2.32 -1.92
C ASP A 204 14.87 -1.70 -2.66
N PHE A 205 15.14 -0.99 -3.75
CA PHE A 205 14.09 -0.30 -4.49
C PHE A 205 13.10 -1.25 -5.17
N LYS A 206 13.51 -2.50 -5.37
CA LYS A 206 12.64 -3.51 -5.97
C LYS A 206 12.02 -3.01 -7.27
N LEU A 207 12.88 -2.54 -8.16
CA LEU A 207 12.43 -2.07 -9.47
C LEU A 207 13.05 -2.91 -10.59
N ASP A 208 13.36 -4.17 -10.29
CA ASP A 208 14.01 -5.07 -11.24
C ASP A 208 13.36 -5.07 -12.61
N GLN A 209 12.04 -4.94 -12.64
CA GLN A 209 11.29 -5.14 -13.87
C GLN A 209 11.58 -4.06 -14.90
N TRP A 210 12.12 -2.92 -14.45
CA TRP A 210 12.45 -1.84 -15.38
C TRP A 210 13.89 -1.93 -15.91
N GLY A 211 14.66 -2.88 -15.38
CA GLY A 211 16.05 -3.07 -15.78
C GLY A 211 16.95 -1.84 -15.64
N LEU A 212 16.88 -1.17 -14.50
CA LEU A 212 17.63 0.08 -14.32
C LEU A 212 19.15 -0.14 -14.20
N ARG A 213 19.54 -1.35 -13.84
CA ARG A 213 20.95 -1.66 -13.64
C ARG A 213 21.67 -1.91 -14.96
N ARG A 214 22.94 -1.54 -15.02
CA ARG A 214 23.77 -1.85 -16.17
C ARG A 214 23.93 -3.37 -16.22
N GLN A 215 23.66 -3.97 -17.38
CA GLN A 215 23.76 -5.43 -17.48
C GLN A 215 25.21 -5.84 -17.73
N PRO A 216 25.58 -7.08 -17.35
CA PRO A 216 26.96 -7.57 -17.30
C PRO A 216 27.90 -7.13 -18.44
N GLY A 217 27.54 -7.29 -19.69
CA GLY A 217 28.49 -6.95 -20.73
C GLY A 217 28.42 -5.51 -21.24
N GLU A 218 27.52 -4.73 -20.67
CA GLU A 218 27.03 -3.51 -21.31
C GLU A 218 27.94 -2.30 -21.14
N SER A 219 28.23 -1.63 -22.26
CA SER A 219 29.04 -0.43 -22.21
C SER A 219 28.23 0.72 -21.62
N PHE A 220 28.91 1.72 -21.06
CA PHE A 220 28.17 2.85 -20.52
C PHE A 220 27.35 3.53 -21.60
N ASP A 221 27.91 3.57 -22.82
CA ASP A 221 27.20 4.18 -23.93
C ASP A 221 25.88 3.48 -24.23
N HIS A 222 25.93 2.15 -24.31
CA HIS A 222 24.73 1.34 -24.58
C HIS A 222 23.71 1.51 -23.45
N TYR A 223 24.18 1.33 -22.22
CA TYR A 223 23.40 1.56 -21.00
C TYR A 223 22.63 2.87 -20.97
N PHE A 224 23.35 3.97 -21.23
CA PHE A 224 22.73 5.28 -21.18
C PHE A 224 21.65 5.44 -22.25
N GLU A 225 21.94 5.00 -23.47
CA GLU A 225 20.95 5.01 -24.53
C GLU A 225 19.74 4.11 -24.20
N ARG A 226 20.01 2.95 -23.60
CA ARG A 226 18.93 2.08 -23.18
C ARG A 226 18.05 2.72 -22.10
N LEU A 227 18.67 3.39 -21.13
CA LEU A 227 17.88 4.07 -20.10
C LEU A 227 17.03 5.19 -20.69
N LYS A 228 17.56 5.89 -21.69
CA LYS A 228 16.82 7.01 -22.28
C LYS A 228 15.53 6.56 -22.93
N ARG A 229 15.50 5.31 -23.38
CA ARG A 229 14.35 4.79 -24.09
C ARG A 229 13.36 4.07 -23.16
N SER A 230 13.69 3.96 -21.88
CA SER A 230 12.81 3.28 -20.94
C SER A 230 11.49 4.02 -20.74
N PRO A 231 10.37 3.29 -20.74
CA PRO A 231 9.11 3.95 -20.44
C PRO A 231 8.93 4.32 -18.97
N VAL A 232 9.86 3.91 -18.10
CA VAL A 232 9.67 4.09 -16.66
C VAL A 232 9.53 5.55 -16.27
N TRP A 233 10.23 6.44 -16.99
CA TRP A 233 10.35 7.86 -16.63
C TRP A 233 9.03 8.59 -16.52
N THR A 234 8.15 8.29 -17.47
CA THR A 234 6.84 8.90 -17.54
C THR A 234 5.68 7.89 -17.36
N SER A 235 5.98 6.71 -16.84
CA SER A 235 4.96 5.68 -16.71
C SER A 235 3.88 6.06 -15.69
N THR A 236 2.64 5.63 -15.94
CA THR A 236 1.59 5.74 -14.93
C THR A 236 1.50 4.45 -14.09
N ASP A 237 2.36 3.49 -14.41
CA ASP A 237 2.42 2.23 -13.66
C ASP A 237 3.31 2.40 -12.42
N THR A 238 2.93 3.33 -11.56
CA THR A 238 3.72 3.68 -10.37
C THR A 238 2.81 3.91 -9.18
N ALA A 239 3.38 3.91 -7.98
CA ALA A 239 2.62 4.26 -6.79
C ALA A 239 2.05 5.70 -6.89
N ARG A 240 2.81 6.58 -7.52
CA ARG A 240 2.44 7.99 -7.60
C ARG A 240 1.07 8.18 -8.26
N TYR A 241 0.86 7.47 -9.36
CA TYR A 241 -0.41 7.56 -10.06
C TYR A 241 -1.56 6.98 -9.22
N ASP A 242 -1.38 5.79 -8.65
CA ASP A 242 -2.42 5.15 -7.83
C ASP A 242 -2.76 5.96 -6.57
N LEU A 243 -1.79 6.72 -6.06
CA LEU A 243 -2.00 7.51 -4.87
C LEU A 243 -2.68 8.85 -5.16
N SER A 244 -2.67 9.26 -6.43
CA SER A 244 -3.28 10.53 -6.83
C SER A 244 -4.80 10.47 -6.77
N ILE A 245 -5.44 11.62 -6.79
CA ILE A 245 -6.90 11.66 -6.74
C ILE A 245 -7.51 10.96 -7.98
N PRO A 246 -7.03 11.29 -9.20
CA PRO A 246 -7.62 10.55 -10.33
C PRO A 246 -7.27 9.06 -10.34
N GLY A 247 -6.06 8.71 -9.93
CA GLY A 247 -5.62 7.33 -9.99
C GLY A 247 -6.31 6.43 -8.98
N ALA A 248 -6.55 6.96 -7.78
CA ALA A 248 -7.25 6.21 -6.75
C ALA A 248 -8.69 5.93 -7.18
N GLU A 249 -9.33 6.89 -7.86
CA GLU A 249 -10.70 6.68 -8.30
C GLU A 249 -10.75 5.58 -9.37
N LYS A 250 -9.78 5.62 -10.29
CA LYS A 250 -9.67 4.61 -11.33
C LYS A 250 -9.55 3.23 -10.70
N LEU A 251 -8.74 3.15 -9.66
CA LEU A 251 -8.59 1.91 -8.91
C LEU A 251 -9.94 1.51 -8.29
N ASN A 252 -10.63 2.48 -7.72
CA ASN A 252 -11.88 2.21 -7.03
C ASN A 252 -12.97 1.70 -7.96
N GLN A 253 -12.85 2.03 -9.24
CA GLN A 253 -13.91 1.69 -10.18
C GLN A 253 -13.93 0.19 -10.47
N TRP A 254 -12.81 -0.50 -10.28
CA TRP A 254 -12.80 -1.97 -10.48
C TRP A 254 -12.43 -2.78 -9.25
N VAL A 255 -11.82 -2.15 -8.25
CA VAL A 255 -11.40 -2.89 -7.06
C VAL A 255 -12.46 -2.69 -5.99
N GLN A 256 -13.32 -3.69 -5.85
CA GLN A 256 -14.48 -3.58 -4.98
C GLN A 256 -14.39 -4.51 -3.78
N ALA A 257 -15.20 -4.24 -2.77
CA ALA A 257 -15.22 -5.07 -1.57
C ALA A 257 -15.82 -6.43 -1.88
N SER A 258 -15.09 -7.49 -1.58
CA SER A 258 -15.60 -8.85 -1.72
C SER A 258 -16.59 -9.20 -0.60
N PRO A 259 -17.71 -9.86 -0.94
CA PRO A 259 -18.67 -10.28 0.09
C PRO A 259 -18.14 -11.34 1.06
N ASN A 260 -17.01 -12.00 0.73
CA ASN A 260 -16.44 -13.06 1.55
C ASN A 260 -15.36 -12.58 2.53
N THR A 261 -15.11 -11.28 2.52
CA THR A 261 -13.98 -10.72 3.25
C THR A 261 -14.46 -9.62 4.22
N TYR A 262 -13.88 -9.59 5.41
CA TYR A 262 -14.12 -8.49 6.35
C TYR A 262 -13.16 -7.34 6.08
N TYR A 263 -13.69 -6.12 6.02
CA TYR A 263 -12.84 -4.95 5.85
C TYR A 263 -12.96 -4.02 7.04
N LEU A 264 -11.80 -3.67 7.59
CA LEU A 264 -11.72 -2.72 8.70
C LEU A 264 -10.90 -1.52 8.26
N SER A 265 -11.37 -0.31 8.59
CA SER A 265 -10.56 0.85 8.31
C SER A 265 -10.30 1.62 9.59
N PHE A 266 -9.08 2.14 9.69
CA PHE A 266 -8.70 3.04 10.77
C PHE A 266 -8.27 4.34 10.14
N SER A 267 -8.81 5.46 10.63
CA SER A 267 -8.44 6.77 10.13
C SER A 267 -7.59 7.51 11.16
N THR A 268 -6.87 8.51 10.70
CA THR A 268 -5.87 9.22 11.51
C THR A 268 -5.92 10.72 11.24
N GLU A 269 -5.70 11.51 12.28
CA GLU A 269 -5.59 12.97 12.13
C GLU A 269 -4.61 13.53 13.16
N ARG A 270 -3.90 14.59 12.79
CA ARG A 270 -2.95 15.20 13.70
C ARG A 270 -2.94 16.69 13.45
N THR A 271 -4.14 17.27 13.32
CA THR A 271 -4.27 18.65 12.88
C THR A 271 -5.28 19.44 13.73
N HIS A 272 -5.31 20.76 13.55
CA HIS A 272 -6.34 21.57 14.20
C HIS A 272 -6.83 22.67 13.25
N ARG A 273 -8.11 23.00 13.37
CA ARG A 273 -8.77 23.88 12.42
C ARG A 273 -8.66 25.35 12.83
N GLY A 274 -8.29 26.20 11.88
CA GLY A 274 -8.26 27.62 12.11
C GLY A 274 -9.67 28.20 12.07
N ALA A 275 -10.00 29.03 13.06
CA ALA A 275 -11.37 29.53 13.23
C ALA A 275 -11.81 30.44 12.09
N LEU A 276 -10.86 31.13 11.46
CA LEU A 276 -11.18 32.07 10.39
C LEU A 276 -11.20 31.46 8.99
N THR A 277 -10.19 30.66 8.64
CA THR A 277 -10.07 30.15 7.28
C THR A 277 -10.75 28.81 7.10
N GLY A 278 -10.92 28.07 8.20
CA GLY A 278 -11.35 26.69 8.11
C GLY A 278 -10.22 25.78 7.64
N ASN A 279 -9.03 26.35 7.46
CA ASN A 279 -7.85 25.56 7.09
C ASN A 279 -7.38 24.74 8.29
N TYR A 280 -6.69 23.64 8.02
CA TYR A 280 -6.16 22.82 9.09
C TYR A 280 -4.64 22.95 9.16
N TYR A 281 -4.13 22.92 10.39
CA TYR A 281 -2.73 23.14 10.71
C TYR A 281 -2.20 21.95 11.49
N PRO A 282 -0.92 21.60 11.28
CA PRO A 282 -0.35 20.47 12.01
C PRO A 282 -0.25 20.73 13.51
N GLU A 283 -0.65 19.76 14.31
CA GLU A 283 -0.46 19.85 15.75
C GLU A 283 1.03 19.78 16.09
N LEU A 284 1.40 20.35 17.23
CA LEU A 284 2.74 20.17 17.72
C LEU A 284 2.88 18.69 18.01
N GLY A 285 3.99 18.09 17.60
CA GLY A 285 4.13 16.67 17.81
C GLY A 285 4.11 15.91 16.50
N MET A 286 3.42 16.45 15.49
CA MET A 286 3.47 15.83 14.16
C MET A 286 4.92 15.75 13.73
N ASN A 287 5.32 14.65 13.08
CA ASN A 287 6.71 14.54 12.63
C ASN A 287 7.10 15.74 11.77
N ALA A 288 8.35 16.16 11.91
CA ALA A 288 8.81 17.43 11.36
C ALA A 288 8.67 17.52 9.84
N PHE A 289 8.99 16.43 9.14
CA PHE A 289 8.92 16.47 7.69
C PHE A 289 7.49 16.75 7.23
N SER A 290 6.52 16.03 7.79
CA SER A 290 5.12 16.24 7.42
C SER A 290 4.66 17.63 7.83
N ALA A 291 5.08 18.07 9.01
CA ALA A 291 4.61 19.35 9.55
C ALA A 291 5.02 20.53 8.66
N VAL A 292 6.23 20.47 8.11
CA VAL A 292 6.76 21.55 7.29
C VAL A 292 6.41 21.43 5.80
N VAL A 293 6.62 20.24 5.25
CA VAL A 293 6.55 20.05 3.80
C VAL A 293 5.13 19.76 3.30
N CYS A 294 4.39 18.90 4.01
CA CYS A 294 3.13 18.35 3.51
C CYS A 294 1.86 18.92 4.15
N ALA A 295 1.85 18.98 5.48
CA ALA A 295 0.65 19.39 6.23
C ALA A 295 0.07 20.75 5.81
N PRO A 296 0.92 21.79 5.61
CA PRO A 296 0.32 23.06 5.19
C PRO A 296 -0.49 22.97 3.89
N PHE A 297 0.02 22.26 2.89
CA PHE A 297 -0.71 22.09 1.64
C PHE A 297 -1.98 21.25 1.85
N LEU A 298 -1.82 20.08 2.46
CA LEU A 298 -2.94 19.18 2.74
C LEU A 298 -4.11 19.86 3.45
N GLY A 299 -3.79 20.75 4.38
CA GLY A 299 -4.80 21.42 5.18
C GLY A 299 -5.35 22.72 4.59
N SER A 300 -4.96 23.05 3.35
CA SER A 300 -5.47 24.28 2.73
C SER A 300 -5.88 24.11 1.27
N TYR A 301 -5.38 23.07 0.62
CA TYR A 301 -5.67 22.91 -0.82
C TYR A 301 -7.10 22.46 -1.07
N ARG A 302 -7.82 23.26 -1.85
CA ARG A 302 -9.20 22.97 -2.23
C ARG A 302 -9.35 22.91 -3.76
N ASN A 303 -10.28 22.10 -4.22
CA ASN A 303 -10.63 22.05 -5.64
C ASN A 303 -12.09 21.65 -5.77
N GLU A 304 -12.95 22.66 -5.67
CA GLU A 304 -14.39 22.45 -5.59
C GLU A 304 -14.92 21.69 -6.79
N ALA A 305 -14.30 21.94 -7.94
CA ALA A 305 -14.63 21.25 -9.18
C ALA A 305 -14.50 19.74 -9.04
N LEU A 306 -13.36 19.30 -8.48
CA LEU A 306 -13.08 17.89 -8.26
C LEU A 306 -13.82 17.32 -7.06
N GLY A 307 -14.52 18.18 -6.32
CA GLY A 307 -15.16 17.77 -5.08
C GLY A 307 -14.21 17.72 -3.90
N ILE A 308 -13.04 18.34 -4.06
CA ILE A 308 -12.10 18.51 -2.97
C ILE A 308 -12.51 19.74 -2.16
N ASP A 309 -13.35 19.53 -1.15
CA ASP A 309 -13.92 20.61 -0.36
C ASP A 309 -13.29 20.70 1.02
N ASP A 310 -13.91 21.48 1.91
CA ASP A 310 -13.37 21.65 3.25
C ASP A 310 -13.25 20.34 4.02
N ARG A 311 -13.97 19.31 3.56
CA ARG A 311 -13.92 18.02 4.24
C ARG A 311 -12.60 17.29 4.00
N TRP A 312 -11.82 17.75 3.02
CA TRP A 312 -10.54 17.14 2.68
C TRP A 312 -9.33 17.70 3.45
N LEU A 313 -9.54 18.73 4.26
CA LEU A 313 -8.44 19.50 4.82
C LEU A 313 -7.86 18.87 6.09
N GLU A 314 -8.69 18.22 6.90
CA GLU A 314 -8.17 17.47 8.03
C GLU A 314 -7.23 16.36 7.52
N ASN A 315 -6.07 16.22 8.16
CA ASN A 315 -5.10 15.24 7.66
C ASN A 315 -4.20 14.68 8.77
N ASP A 316 -3.38 13.68 8.41
CA ASP A 316 -2.45 13.09 9.36
C ASP A 316 -1.02 13.42 8.97
N GLY A 317 -0.85 14.43 8.11
CA GLY A 317 0.45 14.88 7.68
C GLY A 317 0.89 14.33 6.32
N ILE A 318 0.24 13.26 5.85
CA ILE A 318 0.56 12.68 4.54
C ILE A 318 -0.72 12.45 3.72
N VAL A 319 -1.79 12.03 4.41
CA VAL A 319 -3.04 11.69 3.75
C VAL A 319 -4.21 12.44 4.38
N ASN A 320 -5.13 12.94 3.54
CA ASN A 320 -6.38 13.56 3.99
C ASN A 320 -7.23 12.54 4.74
N THR A 321 -7.69 12.91 5.92
CA THR A 321 -8.40 11.98 6.78
C THR A 321 -9.66 11.40 6.13
N VAL A 322 -10.39 12.23 5.38
CA VAL A 322 -11.66 11.81 4.79
C VAL A 322 -11.45 10.66 3.77
N SER A 323 -10.23 10.52 3.29
CA SER A 323 -9.88 9.50 2.30
C SER A 323 -9.75 8.11 2.91
N MET A 324 -9.68 8.03 4.24
CA MET A 324 -9.23 6.81 4.92
C MET A 324 -10.31 5.81 5.36
N ASN A 325 -11.58 6.22 5.45
CA ASN A 325 -12.55 5.30 6.03
C ASN A 325 -12.94 4.20 5.04
N GLY A 326 -12.72 4.46 3.76
CA GLY A 326 -12.98 3.45 2.74
C GLY A 326 -13.09 4.14 1.41
N PRO A 327 -13.03 3.37 0.32
CA PRO A 327 -13.11 4.01 -1.00
C PRO A 327 -14.51 4.60 -1.21
N LYS A 328 -14.58 5.78 -1.80
CA LYS A 328 -15.84 6.49 -2.01
C LYS A 328 -15.91 7.04 -3.43
N ARG A 329 -14.84 7.71 -3.85
CA ARG A 329 -14.79 8.28 -5.18
C ARG A 329 -14.74 7.15 -6.19
N GLY A 330 -15.75 7.08 -7.04
CA GLY A 330 -15.84 6.05 -8.05
C GLY A 330 -16.15 4.67 -7.48
N SER A 331 -16.61 4.62 -6.23
CA SER A 331 -16.80 3.32 -5.56
C SER A 331 -18.25 3.04 -5.18
N SER A 332 -18.63 1.76 -5.19
CA SER A 332 -19.95 1.37 -4.72
C SER A 332 -19.87 0.63 -3.39
N ASP A 333 -18.68 0.60 -2.78
CA ASP A 333 -18.49 -0.07 -1.49
C ASP A 333 -19.32 0.62 -0.43
N ARG A 334 -19.83 -0.16 0.53
CA ARG A 334 -20.53 0.43 1.65
C ARG A 334 -19.57 0.59 2.82
N ILE A 335 -19.76 1.66 3.58
CA ILE A 335 -18.93 1.96 4.74
C ILE A 335 -19.86 2.15 5.91
N VAL A 336 -19.66 1.39 6.97
CA VAL A 336 -20.50 1.51 8.16
C VAL A 336 -19.66 1.76 9.42
N PRO A 337 -20.16 2.63 10.31
CA PRO A 337 -19.50 2.85 11.60
C PRO A 337 -19.53 1.59 12.45
N TYR A 338 -18.40 1.24 13.07
CA TYR A 338 -18.30 0.06 13.92
C TYR A 338 -19.36 0.09 15.03
N ASP A 339 -20.09 -1.00 15.20
CA ASP A 339 -21.16 -1.03 16.21
C ASP A 339 -21.03 -2.21 17.18
N GLY A 340 -19.82 -2.73 17.32
CA GLY A 340 -19.56 -3.84 18.21
C GLY A 340 -19.54 -5.17 17.50
N THR A 341 -20.08 -5.22 16.28
CA THR A 341 -20.07 -6.46 15.52
C THR A 341 -19.55 -6.24 14.09
N LEU A 342 -18.49 -6.97 13.74
CA LEU A 342 -17.84 -6.82 12.44
C LEU A 342 -18.57 -7.52 11.30
N LYS A 343 -18.81 -6.79 10.21
CA LYS A 343 -19.64 -7.28 9.12
C LYS A 343 -18.85 -7.61 7.85
N LYS A 344 -19.20 -8.72 7.21
CA LYS A 344 -18.56 -9.10 5.95
C LYS A 344 -18.98 -8.20 4.81
N GLY A 345 -18.11 -8.03 3.82
CA GLY A 345 -18.48 -7.37 2.58
C GLY A 345 -18.62 -5.87 2.63
N VAL A 346 -18.36 -5.26 3.78
CA VAL A 346 -18.45 -3.80 3.93
C VAL A 346 -17.26 -3.26 4.70
N TRP A 347 -17.04 -1.96 4.61
CA TRP A 347 -15.99 -1.32 5.40
C TRP A 347 -16.49 -1.01 6.80
N ASN A 348 -15.91 -1.71 7.76
CA ASN A 348 -16.16 -1.42 9.17
C ASN A 348 -15.25 -0.26 9.62
N ASP A 349 -15.83 0.93 9.71
CA ASP A 349 -15.11 2.12 10.13
C ASP A 349 -14.84 2.06 11.64
N MET A 350 -13.58 1.84 12.00
CA MET A 350 -13.22 1.61 13.40
C MET A 350 -12.89 2.92 14.12
N GLY A 351 -13.07 4.04 13.43
CA GLY A 351 -12.91 5.34 14.06
C GLY A 351 -11.66 6.08 13.65
N THR A 352 -11.53 7.29 14.17
CA THR A 352 -10.44 8.19 13.80
C THR A 352 -9.56 8.40 15.02
N TYR A 353 -8.25 8.23 14.86
CA TYR A 353 -7.32 8.31 15.97
C TYR A 353 -6.42 9.53 15.84
N ASN A 354 -6.15 10.18 16.97
CA ASN A 354 -5.34 11.39 16.97
C ASN A 354 -3.85 11.01 16.97
N VAL A 355 -3.39 10.59 15.79
CA VAL A 355 -2.04 10.08 15.62
C VAL A 355 -1.63 10.39 14.17
N ASP A 356 -0.36 10.71 13.91
CA ASP A 356 -0.03 11.06 12.53
C ASP A 356 0.42 9.84 11.75
N HIS A 357 0.65 10.05 10.46
CA HIS A 357 0.94 8.98 9.51
C HIS A 357 2.06 8.03 9.92
N LEU A 358 3.10 8.58 10.53
CA LEU A 358 4.26 7.80 10.94
C LEU A 358 4.16 7.33 12.39
N GLU A 359 3.47 8.10 13.22
CA GLU A 359 3.29 7.70 14.62
C GLU A 359 2.47 6.41 14.73
N VAL A 360 1.54 6.21 13.81
CA VAL A 360 0.61 5.09 13.93
C VAL A 360 1.33 3.76 13.67
N ILE A 361 2.47 3.80 12.99
CA ILE A 361 3.28 2.58 12.81
C ILE A 361 4.55 2.64 13.66
N GLY A 362 4.67 3.68 14.48
CA GLY A 362 5.77 3.77 15.44
C GLY A 362 7.08 4.32 14.91
N VAL A 363 7.07 4.75 13.66
CA VAL A 363 8.25 5.30 13.01
C VAL A 363 8.58 6.65 13.62
N ASP A 364 7.55 7.36 14.05
CA ASP A 364 7.72 8.61 14.78
C ASP A 364 7.22 8.39 16.21
N PRO A 365 7.93 8.95 17.21
CA PRO A 365 7.49 8.70 18.59
C PRO A 365 6.18 9.43 18.91
N ASN A 366 5.45 8.92 19.90
CA ASN A 366 4.26 9.57 20.46
C ASN A 366 3.86 8.82 21.73
N PRO A 367 4.42 9.24 22.88
CA PRO A 367 4.17 8.54 24.14
C PRO A 367 2.69 8.45 24.52
N SER A 368 1.85 9.37 24.01
CA SER A 368 0.41 9.33 24.31
C SER A 368 -0.31 8.20 23.60
N PHE A 369 0.32 7.66 22.55
CA PHE A 369 -0.30 6.61 21.75
C PHE A 369 0.20 5.24 22.21
N ASP A 370 -0.69 4.46 22.80
CA ASP A 370 -0.34 3.12 23.26
C ASP A 370 -0.36 2.18 22.07
N ILE A 371 0.75 2.15 21.34
CA ILE A 371 0.80 1.45 20.07
C ILE A 371 0.68 -0.07 20.25
N ARG A 372 1.26 -0.62 21.32
CA ARG A 372 1.13 -2.03 21.63
C ARG A 372 -0.31 -2.46 21.78
N ALA A 373 -1.03 -1.73 22.63
CA ALA A 373 -2.45 -2.00 22.85
C ALA A 373 -3.23 -1.87 21.55
N PHE A 374 -2.88 -0.87 20.75
CA PHE A 374 -3.57 -0.66 19.48
C PHE A 374 -3.52 -1.92 18.64
N TYR A 375 -2.31 -2.46 18.44
CA TYR A 375 -2.19 -3.60 17.53
C TYR A 375 -2.66 -4.89 18.17
N LEU A 376 -2.52 -5.03 19.50
CA LEU A 376 -2.99 -6.24 20.15
C LEU A 376 -4.52 -6.28 20.16
N ARG A 377 -5.15 -5.14 20.40
CA ARG A 377 -6.62 -5.06 20.33
C ARG A 377 -7.12 -5.39 18.92
N LEU A 378 -6.42 -4.87 17.91
CA LEU A 378 -6.76 -5.17 16.54
C LEU A 378 -6.63 -6.67 16.26
N ALA A 379 -5.53 -7.28 16.69
CA ALA A 379 -5.34 -8.72 16.48
C ALA A 379 -6.47 -9.53 17.13
N GLU A 380 -6.88 -9.10 18.31
CA GLU A 380 -7.94 -9.80 19.03
C GLU A 380 -9.27 -9.72 18.26
N GLN A 381 -9.55 -8.56 17.66
CA GLN A 381 -10.75 -8.44 16.83
C GLN A 381 -10.69 -9.34 15.60
N LEU A 382 -9.51 -9.42 14.99
CA LEU A 382 -9.37 -10.25 13.79
C LEU A 382 -9.54 -11.74 14.15
N ALA A 383 -8.97 -12.14 15.30
CA ALA A 383 -9.13 -13.52 15.75
C ALA A 383 -10.58 -13.85 16.12
N SER A 384 -11.38 -12.82 16.34
CA SER A 384 -12.78 -13.03 16.72
C SER A 384 -13.64 -13.30 15.49
N LEU A 385 -13.12 -12.99 14.30
CA LEU A 385 -13.90 -13.11 13.07
C LEU A 385 -14.31 -14.56 12.80
N ARG A 386 -15.58 -14.75 12.48
CA ARG A 386 -16.09 -16.06 12.10
C ARG A 386 -15.83 -16.27 10.61
N PRO A 387 -15.11 -17.36 10.28
CA PRO A 387 -14.81 -17.65 8.88
C PRO A 387 -16.08 -17.76 8.04
CA CA B . 5.36 12.64 17.13
ZN ZN C . 3.60 -2.95 -13.76
C13 P15 D . 8.22 3.91 -9.80
O6 P15 D . 8.65 5.20 -9.46
C12 P15 D . 7.74 5.95 -8.70
C11 P15 D . 8.55 7.01 -7.97
O5 P15 D . 7.68 8.06 -7.63
C10 P15 D . 7.73 8.39 -6.28
C9 P15 D . 8.09 9.86 -6.16
O4 P15 D . 7.02 10.62 -6.64
C8 P15 D . 6.33 11.31 -5.64
C7 P15 D . 5.11 10.50 -5.21
O3 P15 D . 4.32 11.34 -4.42
C6 P15 D . 3.50 10.65 -3.54
C5 P15 D . 2.96 11.66 -2.53
O2 P15 D . 2.00 11.01 -1.75
C4 P15 D . 2.50 9.98 -0.95
C3 P15 D . 1.34 9.42 -0.13
O1 P15 D . 1.75 8.19 0.39
C2 P15 D . 0.87 7.60 1.32
C1 P15 D . 1.77 6.85 2.31
OXT P15 D . 1.85 5.51 1.90
OH2 1PE E . 8.63 18.49 -3.57
C12 1PE E . 8.46 18.43 -2.18
C22 1PE E . 8.28 16.96 -1.75
OH3 1PE E . 6.93 16.58 -1.89
C13 1PE E . 6.83 14.26 -1.15
C23 1PE E . 6.45 15.73 -0.88
OH4 1PE E . 6.13 13.47 -0.22
C14 1PE E . 5.97 11.65 1.32
C24 1PE E . 6.69 12.22 0.09
OH5 1PE E . 6.36 10.31 1.54
C15 1PE E . 5.75 8.33 2.73
C25 1PE E . 6.10 9.81 2.83
OH6 1PE E . 5.50 7.79 4.00
C16 1PE E . 6.53 6.15 5.41
C26 1PE E . 6.67 7.51 4.72
OH7 1PE E . 7.73 5.88 6.09
C1 MPD F . 11.56 6.19 -1.19
C2 MPD F . 12.72 7.16 -1.41
O2 MPD F . 13.55 7.19 -0.22
CM MPD F . 13.57 6.61 -2.55
C3 MPD F . 12.25 8.56 -1.81
C4 MPD F . 10.74 8.79 -1.71
O4 MPD F . 10.46 10.01 -1.05
C5 MPD F . 10.11 8.84 -3.09
C1 MPD G . -5.33 -19.81 -19.52
C2 MPD G . -5.02 -21.23 -19.95
O2 MPD G . -3.81 -21.67 -19.26
CM MPD G . -6.17 -22.15 -19.54
C3 MPD G . -4.82 -21.30 -21.46
C4 MPD G . -3.77 -20.32 -22.01
O4 MPD G . -2.75 -20.09 -21.07
C5 MPD G . -3.14 -20.88 -23.29
C1 MPD H . 27.37 2.83 -12.91
C2 MPD H . 28.12 1.83 -13.79
O2 MPD H . 27.55 0.50 -13.66
CM MPD H . 27.97 2.28 -15.23
C3 MPD H . 29.58 1.73 -13.34
C4 MPD H . 29.80 0.56 -12.41
O4 MPD H . 31.09 0.05 -12.63
C5 MPD H . 29.66 0.95 -10.95
#